data_1EQQ
#
_entry.id   1EQQ
#
_cell.length_a   101.714
_cell.length_b   60.473
_cell.length_c   94.733
_cell.angle_alpha   90.0
_cell.angle_beta   112.602
_cell.angle_gamma   90.0
#
_symmetry.space_group_name_H-M   'C 1 2 1'
#
loop_
_entity.id
_entity.type
_entity.pdbx_description
1 polymer "5'-R(*(5MU)P*(5MU)P*(5MU))-3'"
2 polymer 'SINGLE STRANDED DNA BINDING PROTEIN'
3 water water
#
loop_
_entity_poly.entity_id
_entity_poly.type
_entity_poly.pdbx_seq_one_letter_code
_entity_poly.pdbx_strand_id
1 'polyribonucleotide' (5MU)(5MU)(5MU) M,N
2 'polypeptide(L)'
;MASRGVNKVILVGNLGQDPEVRYMPNGGAVANITLATSESWRDKATGEMKEQTEWHRVVLFGKLAEVASEYLRKGSQVYI
EGQLRTRKWTDQSGQDRYTTEVVVNVGGTMQMLGGRQGGGAPAGGNIGGGQPQGGWGQPQQPQGGNQFSGGAQSRPQQSA
PAAPSNEPPMDFDDDIPF
;
A,B,C,D
#
# COMPACT_ATOMS: atom_id res chain seq x y z
N ALA C 2 -0.75 17.25 12.74
CA ALA C 2 -1.34 16.13 13.53
C ALA C 2 -0.36 15.57 14.58
N SER C 3 0.01 14.30 14.42
CA SER C 3 0.94 13.61 15.33
C SER C 3 0.90 12.07 15.18
N ARG C 4 0.54 11.59 13.98
CA ARG C 4 0.43 10.16 13.68
C ARG C 4 1.30 9.63 12.53
N GLY C 5 0.79 9.69 11.30
CA GLY C 5 1.52 9.19 10.14
C GLY C 5 0.98 7.85 9.66
N VAL C 6 1.60 7.26 8.64
CA VAL C 6 1.13 5.98 8.12
C VAL C 6 2.20 4.92 8.09
N ASN C 7 2.08 3.91 8.95
CA ASN C 7 3.06 2.83 9.00
C ASN C 7 2.36 1.58 8.55
N LYS C 8 2.55 1.23 7.29
CA LYS C 8 1.89 0.07 6.76
C LYS C 8 2.80 -0.84 5.98
N VAL C 9 2.65 -2.14 6.22
CA VAL C 9 3.43 -3.15 5.52
C VAL C 9 2.50 -4.12 4.81
N ILE C 10 2.83 -4.43 3.58
CA ILE C 10 2.03 -5.35 2.81
C ILE C 10 2.89 -6.49 2.32
N LEU C 11 2.42 -7.70 2.52
CA LEU C 11 3.19 -8.84 2.12
C LEU C 11 2.40 -9.95 1.52
N VAL C 12 3.00 -10.57 0.51
CA VAL C 12 2.42 -11.71 -0.14
C VAL C 12 3.61 -12.63 -0.07
N GLY C 13 3.49 -13.71 0.71
CA GLY C 13 4.60 -14.62 0.83
C GLY C 13 4.23 -15.98 1.39
N ASN C 14 5.22 -16.85 1.47
CA ASN C 14 5.02 -18.20 1.97
C ASN C 14 5.66 -18.40 3.33
N LEU C 15 4.97 -19.11 4.21
CA LEU C 15 5.54 -19.34 5.52
C LEU C 15 6.70 -20.27 5.26
N GLY C 16 7.82 -20.01 5.91
CA GLY C 16 8.99 -20.86 5.71
C GLY C 16 9.04 -21.93 6.78
N GLN C 17 8.15 -21.77 7.77
CA GLN C 17 8.04 -22.71 8.88
C GLN C 17 6.62 -22.60 9.36
N ASP C 18 6.12 -23.69 9.93
CA ASP C 18 4.77 -23.72 10.45
C ASP C 18 4.59 -22.54 11.39
N PRO C 19 3.34 -22.19 11.71
CA PRO C 19 3.12 -21.08 12.62
C PRO C 19 3.79 -21.39 13.96
N GLU C 20 4.50 -20.40 14.49
CA GLU C 20 5.20 -20.55 15.77
C GLU C 20 4.31 -19.95 16.86
N VAL C 21 3.29 -20.70 17.27
CA VAL C 21 2.36 -20.22 18.30
C VAL C 21 2.96 -20.15 19.69
N ARG C 22 2.18 -19.58 20.61
CA ARG C 22 2.59 -19.43 22.00
C ARG C 22 1.61 -18.48 22.68
N TYR C 23 1.53 -18.58 24.01
CA TYR C 23 0.63 -17.73 24.80
C TYR C 23 1.42 -16.95 25.83
N MET C 24 0.82 -15.86 26.31
CA MET C 24 1.49 -15.00 27.27
C MET C 24 0.54 -14.47 28.35
N PRO C 25 1.00 -13.50 29.18
CA PRO C 25 0.12 -12.96 30.22
C PRO C 25 -1.20 -12.51 29.63
N ASN C 26 -2.21 -12.40 30.49
CA ASN C 26 -3.55 -12.01 30.03
C ASN C 26 -4.06 -13.19 29.22
N GLY C 27 -3.14 -14.09 28.87
CA GLY C 27 -3.48 -15.24 28.07
C GLY C 27 -3.62 -14.75 26.64
N GLY C 28 -2.48 -14.42 26.03
CA GLY C 28 -2.52 -13.95 24.65
C GLY C 28 -2.15 -14.96 23.59
N ALA C 29 -2.81 -14.85 22.43
CA ALA C 29 -2.56 -15.72 21.29
C ALA C 29 -1.56 -15.00 20.42
N VAL C 30 -0.41 -15.60 20.17
CA VAL C 30 0.56 -14.88 19.36
C VAL C 30 1.34 -15.75 18.39
N ALA C 31 0.99 -15.64 17.12
CA ALA C 31 1.65 -16.42 16.10
C ALA C 31 2.88 -15.68 15.59
N ASN C 32 3.94 -16.42 15.26
CA ASN C 32 5.16 -15.80 14.75
C ASN C 32 5.60 -16.43 13.45
N ILE C 33 4.83 -16.22 12.39
CA ILE C 33 5.19 -16.80 11.11
C ILE C 33 6.25 -15.95 10.44
N THR C 34 7.09 -16.58 9.63
CA THR C 34 8.14 -15.89 8.92
C THR C 34 7.92 -15.94 7.42
N LEU C 35 7.56 -14.80 6.83
CA LEU C 35 7.33 -14.74 5.40
C LEU C 35 8.60 -14.54 4.58
N ALA C 36 8.53 -14.94 3.32
CA ALA C 36 9.64 -14.81 2.42
C ALA C 36 9.21 -14.24 1.08
N THR C 37 9.69 -13.06 0.75
CA THR C 37 9.38 -12.48 -0.56
C THR C 37 10.65 -12.70 -1.35
N SER C 38 10.56 -12.63 -2.68
CA SER C 38 11.74 -12.87 -3.49
C SER C 38 11.79 -11.94 -4.68
N GLU C 39 12.99 -11.63 -5.14
CA GLU C 39 13.19 -10.77 -6.29
C GLU C 39 14.44 -11.20 -7.02
N SER C 40 14.27 -11.76 -8.21
CA SER C 40 15.39 -12.23 -9.01
C SER C 40 15.72 -11.16 -10.07
N TRP C 41 16.86 -11.28 -10.76
CA TRP C 41 17.23 -10.32 -11.82
C TRP C 41 18.52 -10.64 -12.64
N ARG C 42 18.56 -11.82 -13.24
CA ARG C 42 19.68 -12.29 -14.07
C ARG C 42 20.26 -11.25 -15.06
N ASP C 43 21.59 -11.27 -15.23
CA ASP C 43 22.36 -10.39 -16.12
C ASP C 43 23.68 -9.91 -15.50
N LYS C 44 24.78 -10.08 -16.24
CA LYS C 44 26.12 -9.69 -15.79
C LYS C 44 26.53 -10.23 -14.42
N ALA C 45 27.33 -11.29 -14.46
CA ALA C 45 27.83 -11.95 -13.26
C ALA C 45 29.02 -12.82 -13.65
N THR C 46 28.92 -14.13 -13.41
CA THR C 46 30.02 -15.05 -13.75
C THR C 46 29.61 -16.52 -13.82
N GLY C 47 28.53 -16.88 -13.12
CA GLY C 47 28.09 -18.27 -13.11
C GLY C 47 26.60 -18.51 -13.30
N GLU C 48 25.99 -19.19 -12.34
CA GLU C 48 24.56 -19.51 -12.37
C GLU C 48 23.80 -19.01 -11.13
N MET C 49 22.58 -18.51 -11.37
CA MET C 49 21.71 -17.98 -10.32
C MET C 49 22.28 -16.75 -9.63
N LYS C 50 21.37 -15.93 -9.09
CA LYS C 50 21.70 -14.69 -8.40
C LYS C 50 20.38 -14.08 -7.94
N GLU C 51 19.65 -14.84 -7.13
CA GLU C 51 18.37 -14.43 -6.61
C GLU C 51 18.49 -13.95 -5.19
N GLN C 52 17.48 -13.22 -4.73
CA GLN C 52 17.53 -12.77 -3.36
C GLN C 52 16.16 -12.89 -2.76
N THR C 53 16.09 -13.32 -1.51
CA THR C 53 14.79 -13.47 -0.88
C THR C 53 14.73 -12.97 0.54
N GLU C 54 13.92 -11.94 0.75
CA GLU C 54 13.75 -11.38 2.07
C GLU C 54 12.89 -12.28 2.91
N TRP C 55 13.23 -12.35 4.19
CA TRP C 55 12.49 -13.15 5.13
C TRP C 55 11.89 -12.20 6.14
N HIS C 56 10.57 -12.05 6.12
CA HIS C 56 9.95 -11.16 7.06
C HIS C 56 9.51 -11.91 8.29
N ARG C 57 9.64 -11.26 9.44
CA ARG C 57 9.26 -11.84 10.70
C ARG C 57 7.95 -11.19 11.07
N VAL C 58 6.85 -11.79 10.65
CA VAL C 58 5.54 -11.26 10.97
C VAL C 58 5.11 -11.68 12.39
N VAL C 59 4.16 -10.95 12.95
CA VAL C 59 3.67 -11.26 14.29
C VAL C 59 2.16 -11.08 14.36
N LEU C 60 1.46 -12.17 14.59
CA LEU C 60 0.01 -12.14 14.66
C LEU C 60 -0.46 -12.07 16.12
N PHE C 61 -1.69 -11.62 16.32
CA PHE C 61 -2.26 -11.56 17.67
C PHE C 61 -3.70 -11.98 17.66
N GLY C 62 -4.28 -12.14 18.85
CA GLY C 62 -5.66 -12.55 18.97
C GLY C 62 -6.06 -13.63 17.97
N LYS C 63 -7.29 -13.50 17.46
CA LYS C 63 -7.82 -14.45 16.50
C LYS C 63 -6.81 -14.88 15.43
N LEU C 64 -6.36 -13.94 14.60
CA LEU C 64 -5.41 -14.24 13.54
C LEU C 64 -4.35 -15.19 14.07
N ALA C 65 -3.80 -14.86 15.21
CA ALA C 65 -2.78 -15.69 15.80
C ALA C 65 -3.31 -17.10 15.78
N GLU C 66 -4.48 -17.29 16.36
CA GLU C 66 -5.11 -18.60 16.42
C GLU C 66 -5.32 -19.16 15.02
N VAL C 67 -6.00 -18.38 14.18
CA VAL C 67 -6.27 -18.81 12.82
C VAL C 67 -5.01 -19.37 12.23
N ALA C 68 -3.97 -18.56 12.25
CA ALA C 68 -2.67 -18.97 11.73
C ALA C 68 -2.35 -20.36 12.24
N SER C 69 -2.41 -20.51 13.56
CA SER C 69 -2.11 -21.77 14.22
C SER C 69 -2.92 -22.96 13.73
N GLU C 70 -4.23 -22.80 13.61
CA GLU C 70 -5.06 -23.90 13.18
C GLU C 70 -4.97 -24.23 11.70
N TYR C 71 -4.69 -23.25 10.85
CA TYR C 71 -4.66 -23.53 9.43
C TYR C 71 -3.48 -23.08 8.60
N LEU C 72 -2.54 -22.37 9.19
CA LEU C 72 -1.46 -21.98 8.32
C LEU C 72 -0.36 -23.03 8.38
N ARG C 73 0.26 -23.30 7.23
CA ARG C 73 1.31 -24.29 7.12
C ARG C 73 2.45 -23.72 6.34
N LYS C 74 3.60 -24.41 6.38
CA LYS C 74 4.75 -23.96 5.62
C LYS C 74 4.25 -23.99 4.20
N GLY C 75 4.90 -23.23 3.33
CA GLY C 75 4.53 -23.19 1.93
C GLY C 75 3.29 -22.39 1.56
N SER C 76 2.38 -22.26 2.49
CA SER C 76 1.16 -21.52 2.22
C SER C 76 1.53 -20.13 1.75
N GLN C 77 0.61 -19.49 1.05
CA GLN C 77 0.87 -18.15 0.56
C GLN C 77 -0.13 -17.20 1.18
N VAL C 78 0.36 -16.23 1.92
CA VAL C 78 -0.54 -15.28 2.56
C VAL C 78 -0.27 -13.83 2.22
N TYR C 79 -1.30 -13.04 2.49
CA TYR C 79 -1.28 -11.61 2.26
C TYR C 79 -1.40 -11.03 3.64
N ILE C 80 -0.40 -10.24 4.05
CA ILE C 80 -0.44 -9.63 5.36
C ILE C 80 -0.52 -8.16 5.19
N GLU C 81 -1.24 -7.49 6.10
CA GLU C 81 -1.34 -6.06 6.00
C GLU C 81 -0.99 -5.43 7.33
N GLY C 82 -0.02 -6.03 8.03
CA GLY C 82 0.38 -5.51 9.32
C GLY C 82 1.15 -4.20 9.24
N GLN C 83 1.90 -3.91 10.29
CA GLN C 83 2.72 -2.70 10.37
C GLN C 83 4.08 -2.98 11.01
N LEU C 84 5.07 -2.18 10.62
CA LEU C 84 6.41 -2.33 11.13
C LEU C 84 6.48 -2.08 12.62
N ARG C 85 7.22 -2.93 13.33
CA ARG C 85 7.37 -2.76 14.76
C ARG C 85 8.68 -3.38 15.19
N THR C 86 9.70 -2.54 15.25
CA THR C 86 11.00 -3.01 15.68
C THR C 86 10.94 -3.07 17.20
N ARG C 87 11.24 -4.22 17.78
CA ARG C 87 11.18 -4.34 19.22
C ARG C 87 12.50 -4.74 19.86
N LYS C 88 12.86 -4.03 20.92
CA LYS C 88 14.10 -4.29 21.63
C LYS C 88 14.01 -5.40 22.69
N TRP C 89 15.02 -6.25 22.71
CA TRP C 89 15.10 -7.33 23.68
C TRP C 89 16.57 -7.62 23.89
N THR C 90 16.96 -7.80 25.15
CA THR C 90 18.34 -8.10 25.49
C THR C 90 18.56 -9.61 25.44
N ASP C 91 19.50 -10.04 24.60
CA ASP C 91 19.83 -11.45 24.46
C ASP C 91 20.44 -11.94 25.75
N GLN C 92 21.14 -13.07 25.68
CA GLN C 92 21.76 -13.62 26.86
C GLN C 92 22.95 -12.76 27.28
N SER C 93 22.82 -11.45 27.08
CA SER C 93 23.86 -10.47 27.43
C SER C 93 23.54 -9.07 26.87
N GLY C 94 23.85 -8.85 25.59
CA GLY C 94 23.62 -7.55 24.98
C GLY C 94 22.20 -7.27 24.52
N GLN C 95 21.97 -6.06 24.03
CA GLN C 95 20.65 -5.65 23.57
C GLN C 95 20.49 -5.87 22.08
N ASP C 96 19.42 -6.58 21.71
CA ASP C 96 19.12 -6.86 20.32
C ASP C 96 17.73 -6.36 20.00
N ARG C 97 17.50 -5.98 18.75
CA ARG C 97 16.19 -5.50 18.36
C ARG C 97 15.76 -6.18 17.07
N TYR C 98 14.51 -6.61 17.03
CA TYR C 98 13.98 -7.25 15.86
C TYR C 98 12.83 -6.45 15.28
N THR C 99 12.85 -6.27 13.97
CA THR C 99 11.78 -5.52 13.31
C THR C 99 10.80 -6.57 12.81
N THR C 100 9.61 -6.60 13.39
CA THR C 100 8.68 -7.59 12.96
C THR C 100 7.44 -7.00 12.36
N GLU C 101 6.80 -7.79 11.50
CA GLU C 101 5.56 -7.45 10.85
C GLU C 101 4.44 -7.78 11.81
N VAL C 102 3.84 -6.75 12.38
CA VAL C 102 2.78 -6.98 13.33
C VAL C 102 1.44 -6.67 12.73
N VAL C 103 0.57 -7.67 12.70
CA VAL C 103 -0.76 -7.50 12.14
C VAL C 103 -1.75 -7.31 13.29
N VAL C 104 -2.03 -6.07 13.65
CA VAL C 104 -2.97 -5.84 14.72
C VAL C 104 -4.13 -4.95 14.27
N ASN C 105 -5.28 -5.59 14.02
CA ASN C 105 -6.51 -4.91 13.59
C ASN C 105 -6.38 -4.13 12.29
N VAL C 106 -5.64 -3.04 12.34
CA VAL C 106 -5.43 -2.18 11.18
C VAL C 106 -5.08 -2.97 9.91
N GLY C 107 -4.70 -4.24 10.08
CA GLY C 107 -4.35 -5.07 8.93
C GLY C 107 -5.02 -6.42 9.00
N GLY C 108 -4.41 -7.45 8.41
CA GLY C 108 -5.02 -8.78 8.47
C GLY C 108 -4.47 -9.80 7.48
N THR C 109 -4.41 -11.06 7.90
CA THR C 109 -3.90 -12.13 7.05
C THR C 109 -4.98 -12.71 6.16
N MET C 110 -4.54 -13.23 5.03
CA MET C 110 -5.42 -13.85 4.06
C MET C 110 -4.51 -14.75 3.26
N GLN C 111 -4.96 -15.98 3.03
CA GLN C 111 -4.14 -16.92 2.30
C GLN C 111 -4.69 -17.16 0.94
N MET C 112 -3.82 -17.62 0.06
CA MET C 112 -4.15 -17.95 -1.32
C MET C 112 -4.07 -19.46 -1.42
N LEU C 113 -4.08 -19.97 -2.65
CA LEU C 113 -3.99 -21.41 -2.88
C LEU C 113 -2.74 -22.03 -2.24
N GLY C 114 -1.74 -21.21 -1.96
CA GLY C 114 -0.51 -21.68 -1.33
C GLY C 114 -0.05 -23.12 -1.57
N GLY C 115 0.98 -23.52 -0.84
CA GLY C 115 1.50 -24.86 -0.99
C GLY C 115 2.40 -25.28 0.15
N ALA D 2 13.11 -19.25 -8.53
CA ALA D 2 12.22 -18.38 -9.36
C ALA D 2 11.04 -17.84 -8.55
N SER D 3 11.24 -17.71 -7.24
CA SER D 3 10.22 -17.21 -6.34
C SER D 3 10.09 -15.69 -6.42
N ARG D 4 8.94 -15.16 -5.99
CA ARG D 4 8.70 -13.73 -5.99
C ARG D 4 7.83 -13.43 -4.80
N GLY D 5 6.61 -12.95 -5.04
CA GLY D 5 5.71 -12.62 -3.94
C GLY D 5 5.57 -11.11 -3.83
N VAL D 6 5.21 -10.61 -2.66
CA VAL D 6 5.07 -9.16 -2.53
C VAL D 6 5.57 -8.61 -1.22
N ASN D 7 6.68 -7.88 -1.28
CA ASN D 7 7.28 -7.28 -0.09
C ASN D 7 7.17 -5.80 -0.27
N LYS D 8 6.16 -5.21 0.35
CA LYS D 8 5.95 -3.80 0.21
C LYS D 8 5.69 -3.08 1.50
N VAL D 9 6.34 -1.92 1.64
CA VAL D 9 6.16 -1.11 2.83
C VAL D 9 5.70 0.26 2.41
N ILE D 10 4.72 0.79 3.14
CA ILE D 10 4.18 2.11 2.85
C ILE D 10 4.27 2.97 4.08
N LEU D 11 4.82 4.16 3.93
CA LEU D 11 4.98 5.02 5.06
C LEU D 11 4.69 6.47 4.81
N VAL D 12 4.06 7.09 5.80
CA VAL D 12 3.75 8.50 5.77
C VAL D 12 4.32 8.89 7.10
N GLY D 13 5.38 9.68 7.09
CA GLY D 13 6.00 10.08 8.34
C GLY D 13 6.93 11.27 8.23
N ASN D 14 7.46 11.69 9.36
CA ASN D 14 8.35 12.83 9.40
C ASN D 14 9.79 12.40 9.68
N LEU D 15 10.74 13.01 8.99
CA LEU D 15 12.12 12.65 9.26
C LEU D 15 12.37 13.17 10.65
N GLY D 16 13.08 12.38 11.46
CA GLY D 16 13.39 12.82 12.81
C GLY D 16 14.77 13.45 12.90
N GLN D 17 15.56 13.25 11.85
CA GLN D 17 16.93 13.76 11.73
C GLN D 17 17.10 14.18 10.29
N ASP D 18 17.92 15.19 10.02
CA ASP D 18 18.15 15.58 8.66
C ASP D 18 18.60 14.33 7.91
N PRO D 19 18.62 14.36 6.58
CA PRO D 19 19.01 13.28 5.68
C PRO D 19 20.49 12.94 5.57
N GLU D 20 20.80 11.66 5.74
CA GLU D 20 22.17 11.19 5.63
C GLU D 20 22.40 10.85 4.16
N VAL D 21 23.20 11.66 3.47
CA VAL D 21 23.46 11.42 2.05
C VAL D 21 24.90 11.05 1.71
N ARG D 22 25.05 10.15 0.74
CA ARG D 22 26.35 9.68 0.29
C ARG D 22 26.32 9.60 -1.22
N TYR D 23 27.47 9.38 -1.85
CA TYR D 23 27.52 9.27 -3.31
C TYR D 23 28.60 8.26 -3.76
N MET D 24 28.17 7.09 -4.20
CA MET D 24 29.13 6.09 -4.67
C MET D 24 28.60 5.40 -5.91
N PRO D 25 29.39 5.39 -7.01
CA PRO D 25 30.72 5.98 -7.15
C PRO D 25 30.72 7.50 -7.25
N ASN D 26 30.36 8.17 -6.17
CA ASN D 26 30.32 9.63 -6.15
C ASN D 26 29.10 10.07 -6.94
N GLY D 27 28.15 9.14 -7.08
CA GLY D 27 26.93 9.40 -7.81
C GLY D 27 25.90 8.31 -7.54
N GLY D 28 26.35 7.23 -6.92
CA GLY D 28 25.43 6.16 -6.59
C GLY D 28 24.69 6.57 -5.35
N ALA D 29 24.51 7.88 -5.23
CA ALA D 29 23.83 8.51 -4.12
C ALA D 29 22.95 7.57 -3.31
N VAL D 30 23.11 7.65 -2.00
CA VAL D 30 22.32 6.83 -1.11
C VAL D 30 21.93 7.63 0.11
N ALA D 31 20.67 8.03 0.18
CA ALA D 31 20.17 8.80 1.30
C ALA D 31 19.70 7.87 2.40
N ASN D 32 19.89 8.28 3.65
CA ASN D 32 19.47 7.47 4.79
C ASN D 32 18.62 8.27 5.77
N ILE D 33 17.43 8.65 5.35
CA ILE D 33 16.58 9.40 6.23
C ILE D 33 15.87 8.46 7.20
N THR D 34 15.56 8.98 8.38
CA THR D 34 14.88 8.23 9.43
C THR D 34 13.50 8.77 9.72
N LEU D 35 12.47 8.05 9.29
CA LEU D 35 11.11 8.48 9.52
C LEU D 35 10.59 8.11 10.89
N ALA D 36 9.57 8.85 11.32
CA ALA D 36 8.95 8.62 12.62
C ALA D 36 7.44 8.63 12.50
N THR D 37 6.80 7.50 12.78
CA THR D 37 5.35 7.46 12.76
C THR D 37 4.97 7.47 14.23
N SER D 38 3.75 7.83 14.56
CA SER D 38 3.37 7.88 15.95
C SER D 38 1.95 7.39 16.14
N GLU D 39 1.69 6.84 17.32
CA GLU D 39 0.37 6.35 17.67
C GLU D 39 0.16 6.55 19.16
N SER D 40 -0.75 7.45 19.49
CA SER D 40 -1.05 7.76 20.87
C SER D 40 -2.34 7.13 21.31
N TRP D 41 -2.74 7.56 22.52
CA TRP D 41 -3.95 7.14 23.21
C TRP D 41 -3.83 7.69 24.63
N ARG D 42 -4.94 8.11 25.25
CA ARG D 42 -4.86 8.60 26.62
C ARG D 42 -4.69 7.36 27.45
N ASP D 43 -3.69 7.29 28.32
CA ASP D 43 -3.56 6.11 29.15
C ASP D 43 -4.77 6.16 30.04
N LYS D 44 -5.46 5.02 30.14
CA LYS D 44 -6.67 4.92 30.93
C LYS D 44 -6.45 4.96 32.45
N ALA D 45 -5.37 4.34 32.90
CA ALA D 45 -5.06 4.28 34.33
C ALA D 45 -4.42 5.50 34.95
N THR D 46 -4.10 6.52 34.15
CA THR D 46 -3.51 7.75 34.68
C THR D 46 -4.33 8.88 34.10
N GLY D 47 -4.96 8.59 32.97
CA GLY D 47 -5.76 9.57 32.30
C GLY D 47 -4.88 10.58 31.60
N GLU D 48 -3.59 10.29 31.56
CA GLU D 48 -2.65 11.20 30.90
C GLU D 48 -2.46 10.82 29.46
N MET D 49 -1.70 11.62 28.74
CA MET D 49 -1.42 11.36 27.35
C MET D 49 -0.19 10.47 27.21
N LYS D 50 -0.25 9.54 26.27
CA LYS D 50 0.87 8.64 25.99
C LYS D 50 1.07 8.63 24.49
N GLU D 51 2.18 8.08 24.02
CA GLU D 51 2.44 8.08 22.59
C GLU D 51 3.65 7.23 22.22
N GLN D 52 3.43 6.01 21.67
CA GLN D 52 4.56 5.20 21.24
C GLN D 52 4.84 5.61 19.81
N THR D 53 6.11 5.71 19.44
CA THR D 53 6.43 6.12 18.09
C THR D 53 7.54 5.33 17.42
N GLU D 54 7.17 4.61 16.36
CA GLU D 54 8.12 3.82 15.62
C GLU D 54 9.01 4.72 14.80
N TRP D 55 10.27 4.32 14.71
CA TRP D 55 11.23 5.06 13.92
C TRP D 55 11.69 4.16 12.78
N HIS D 56 11.31 4.50 11.57
CA HIS D 56 11.70 3.66 10.47
C HIS D 56 12.97 4.18 9.86
N ARG D 57 13.79 3.25 9.40
CA ARG D 57 15.06 3.59 8.79
C ARG D 57 14.88 3.35 7.31
N VAL D 58 14.44 4.38 6.60
CA VAL D 58 14.24 4.28 5.18
C VAL D 58 15.56 4.46 4.44
N VAL D 59 15.62 3.95 3.20
CA VAL D 59 16.81 4.05 2.39
C VAL D 59 16.46 4.38 0.96
N LEU D 60 16.89 5.55 0.51
CA LEU D 60 16.61 6.01 -0.84
C LEU D 60 17.81 5.76 -1.74
N PHE D 61 17.58 5.76 -3.05
CA PHE D 61 18.66 5.55 -4.03
C PHE D 61 18.43 6.43 -5.23
N GLY D 62 19.43 6.45 -6.11
CA GLY D 62 19.32 7.26 -7.31
C GLY D 62 18.67 8.62 -7.08
N LYS D 63 17.88 9.06 -8.05
CA LYS D 63 17.22 10.35 -7.98
C LYS D 63 16.64 10.66 -6.60
N LEU D 64 15.69 9.86 -6.14
CA LEU D 64 15.06 10.08 -4.85
C LEU D 64 16.10 10.42 -3.80
N ALA D 65 17.18 9.65 -3.79
CA ALA D 65 18.24 9.91 -2.84
C ALA D 65 18.59 11.38 -2.96
N GLU D 66 18.90 11.81 -4.17
CA GLU D 66 19.25 13.19 -4.42
C GLU D 66 18.13 14.13 -4.00
N VAL D 67 16.95 13.89 -4.54
CA VAL D 67 15.79 14.69 -4.24
C VAL D 67 15.74 14.91 -2.75
N ALA D 68 15.73 13.80 -2.02
CA ALA D 68 15.71 13.85 -0.59
C ALA D 68 16.72 14.88 -0.12
N SER D 69 17.96 14.70 -0.58
CA SER D 69 19.05 15.58 -0.20
C SER D 69 18.82 17.05 -0.45
N GLU D 70 18.36 17.39 -1.63
CA GLU D 70 18.15 18.78 -1.95
C GLU D 70 16.95 19.43 -1.28
N TYR D 71 15.91 18.65 -0.98
CA TYR D 71 14.72 19.26 -0.42
C TYR D 71 14.13 18.64 0.83
N LEU D 72 14.71 17.55 1.32
CA LEU D 72 14.20 16.89 2.53
C LEU D 72 14.95 17.27 3.79
N ARG D 73 14.26 17.92 4.73
CA ARG D 73 14.90 18.36 5.97
C ARG D 73 14.23 17.85 7.26
N LYS D 74 14.95 17.90 8.37
CA LYS D 74 14.41 17.41 9.64
C LYS D 74 12.98 17.88 9.83
N GLY D 75 12.10 16.96 10.23
CA GLY D 75 10.72 17.31 10.43
C GLY D 75 9.86 17.24 9.18
N SER D 76 10.50 17.16 8.01
CA SER D 76 9.78 17.06 6.76
C SER D 76 8.88 15.85 6.82
N GLN D 77 7.83 15.84 6.01
CA GLN D 77 6.91 14.73 6.00
C GLN D 77 6.92 14.08 4.64
N VAL D 78 7.30 12.81 4.60
CA VAL D 78 7.36 12.11 3.33
C VAL D 78 6.56 10.85 3.27
N TYR D 79 6.32 10.44 2.04
CA TYR D 79 5.56 9.24 1.71
C TYR D 79 6.58 8.34 1.04
N ILE D 80 6.81 7.17 1.63
CA ILE D 80 7.76 6.26 1.04
C ILE D 80 7.03 5.04 0.60
N GLU D 81 7.46 4.43 -0.50
CA GLU D 81 6.81 3.22 -0.97
C GLU D 81 7.84 2.14 -1.21
N GLY D 82 8.85 2.10 -0.35
CA GLY D 82 9.90 1.11 -0.51
C GLY D 82 9.45 -0.28 -0.17
N GLN D 83 10.43 -1.13 0.16
CA GLN D 83 10.18 -2.53 0.52
C GLN D 83 11.08 -2.96 1.65
N LEU D 84 10.60 -3.90 2.44
CA LEU D 84 11.37 -4.41 3.57
C LEU D 84 12.63 -5.11 3.14
N ARG D 85 13.72 -4.85 3.84
CA ARG D 85 14.97 -5.49 3.53
C ARG D 85 15.83 -5.56 4.76
N THR D 86 15.74 -6.68 5.45
CA THR D 86 16.54 -6.88 6.65
C THR D 86 17.93 -7.28 6.15
N ARG D 87 18.96 -6.55 6.56
CA ARG D 87 20.32 -6.87 6.12
C ARG D 87 21.26 -7.18 7.27
N LYS D 88 22.01 -8.26 7.09
CA LYS D 88 22.95 -8.72 8.11
C LYS D 88 24.31 -8.04 8.03
N TRP D 89 24.84 -7.67 9.19
CA TRP D 89 26.13 -7.03 9.29
C TRP D 89 26.69 -7.39 10.66
N THR D 90 27.98 -7.74 10.70
CA THR D 90 28.62 -8.09 11.95
C THR D 90 29.21 -6.84 12.60
N ASP D 91 28.76 -6.56 13.82
CA ASP D 91 29.21 -5.39 14.55
C ASP D 91 30.68 -5.57 14.87
N GLN D 92 31.16 -4.83 15.86
CA GLN D 92 32.55 -4.94 16.25
C GLN D 92 32.79 -6.25 16.99
N SER D 93 32.09 -7.29 16.55
CA SER D 93 32.21 -8.62 17.13
C SER D 93 31.14 -9.60 16.61
N GLY D 94 29.94 -9.49 17.18
CA GLY D 94 28.85 -10.37 16.78
C GLY D 94 28.07 -9.95 15.54
N GLN D 95 27.13 -10.79 15.12
CA GLN D 95 26.31 -10.53 13.95
C GLN D 95 25.01 -9.81 14.28
N ASP D 96 24.77 -8.70 13.60
CA ASP D 96 23.56 -7.93 13.81
C ASP D 96 22.85 -7.78 12.48
N ARG D 97 21.53 -7.62 12.53
CA ARG D 97 20.77 -7.44 11.30
C ARG D 97 19.79 -6.29 11.47
N TYR D 98 19.74 -5.42 10.47
CA TYR D 98 18.83 -4.30 10.50
C TYR D 98 17.80 -4.39 9.38
N THR D 99 16.55 -4.17 9.73
CA THR D 99 15.48 -4.24 8.74
C THR D 99 15.27 -2.82 8.29
N THR D 100 15.61 -2.52 7.05
CA THR D 100 15.43 -1.16 6.58
C THR D 100 14.45 -1.03 5.43
N GLU D 101 13.87 0.14 5.34
CA GLU D 101 12.93 0.48 4.29
C GLU D 101 13.73 0.89 3.09
N VAL D 102 13.76 0.04 2.09
CA VAL D 102 14.52 0.35 0.91
C VAL D 102 13.61 0.73 -0.22
N VAL D 103 13.81 1.93 -0.73
CA VAL D 103 13.03 2.45 -1.83
C VAL D 103 13.84 2.29 -3.11
N VAL D 104 13.65 1.19 -3.82
CA VAL D 104 14.36 0.99 -5.07
C VAL D 104 13.42 0.78 -6.26
N ASN D 105 13.23 1.85 -7.03
CA ASN D 105 12.39 1.85 -8.23
C ASN D 105 10.93 1.49 -7.97
N VAL D 106 10.67 0.25 -7.59
CA VAL D 106 9.33 -0.23 -7.32
C VAL D 106 8.53 0.73 -6.42
N GLY D 107 9.23 1.65 -5.75
CA GLY D 107 8.57 2.60 -4.86
C GLY D 107 9.05 4.01 -5.12
N GLY D 108 9.03 4.87 -4.11
CA GLY D 108 9.50 6.23 -4.31
C GLY D 108 9.09 7.21 -3.23
N THR D 109 9.95 8.19 -2.94
CA THR D 109 9.67 9.20 -1.92
C THR D 109 8.89 10.37 -2.48
N MET D 110 8.14 11.00 -1.60
CA MET D 110 7.36 12.17 -1.95
C MET D 110 7.15 12.89 -0.65
N GLN D 111 7.35 14.19 -0.65
CA GLN D 111 7.19 14.94 0.57
C GLN D 111 5.94 15.78 0.52
N MET D 112 5.46 16.13 1.71
CA MET D 112 4.27 16.96 1.84
C MET D 112 4.76 18.32 2.28
N LEU D 113 3.86 19.28 2.34
CA LEU D 113 4.27 20.58 2.78
C LEU D 113 4.70 20.34 4.22
N GLY D 114 4.09 19.34 4.83
CA GLY D 114 4.40 18.95 6.21
C GLY D 114 4.61 20.04 7.25
N GLY D 115 5.34 19.69 8.31
CA GLY D 115 5.62 20.62 9.39
C GLY D 115 7.03 21.15 9.43
N ARG D 116 7.18 22.35 9.99
CA ARG D 116 8.46 23.04 10.13
C ARG D 116 9.10 23.41 8.78
N GLN D 117 8.74 24.59 8.27
CA GLN D 117 9.23 25.08 6.98
C GLN D 117 9.90 26.45 7.09
N GLY D 118 10.11 27.08 5.94
CA GLY D 118 10.73 28.39 5.91
C GLY D 118 12.18 28.29 6.34
N GLY D 119 12.86 27.25 5.83
CA GLY D 119 14.24 27.02 6.17
C GLY D 119 15.23 28.05 5.64
N GLY D 120 16.04 28.60 6.55
CA GLY D 120 17.02 29.60 6.16
C GLY D 120 16.77 30.96 6.77
N ALA D 121 16.01 30.98 7.86
CA ALA D 121 15.66 32.21 8.57
C ALA D 121 16.85 33.13 8.80
N ALA E 2 -12.64 -19.30 -2.22
CA ALA E 2 -13.11 -18.57 -3.43
C ALA E 2 -14.25 -17.59 -3.08
N SER E 3 -13.90 -16.55 -2.35
CA SER E 3 -14.86 -15.53 -1.94
C SER E 3 -14.16 -14.33 -1.30
N ARG E 4 -12.92 -14.05 -1.71
CA ARG E 4 -12.19 -12.91 -1.17
C ARG E 4 -11.16 -12.29 -2.11
N GLY E 5 -9.93 -12.15 -1.63
CA GLY E 5 -8.87 -11.53 -2.41
C GLY E 5 -8.55 -10.22 -1.72
N VAL E 6 -7.76 -9.36 -2.34
CA VAL E 6 -7.39 -8.09 -1.72
C VAL E 6 -7.67 -6.89 -2.59
N ASN E 7 -8.63 -6.07 -2.18
CA ASN E 7 -8.99 -4.87 -2.92
C ASN E 7 -8.65 -3.72 -2.04
N LYS E 8 -7.50 -3.10 -2.30
CA LYS E 8 -7.06 -2.00 -1.49
C LYS E 8 -6.57 -0.82 -2.28
N VAL E 9 -7.00 0.38 -1.87
CA VAL E 9 -6.57 1.61 -2.50
C VAL E 9 -5.92 2.50 -1.48
N ILE E 10 -4.80 3.10 -1.87
CA ILE E 10 -4.07 3.99 -1.00
C ILE E 10 -3.91 5.32 -1.68
N LEU E 11 -4.22 6.38 -0.95
CA LEU E 11 -4.12 7.69 -1.52
C LEU E 11 -3.60 8.73 -0.59
N VAL E 12 -2.81 9.62 -1.16
CA VAL E 12 -2.26 10.75 -0.46
C VAL E 12 -2.63 11.84 -1.43
N GLY E 13 -3.51 12.73 -1.01
CA GLY E 13 -3.93 13.80 -1.89
C GLY E 13 -4.65 14.94 -1.21
N ASN E 14 -5.02 15.94 -2.01
CA ASN E 14 -5.71 17.11 -1.50
C ASN E 14 -7.17 17.17 -1.94
N LEU E 15 -8.06 17.53 -1.03
CA LEU E 15 -9.45 17.62 -1.40
C LEU E 15 -9.51 18.77 -2.37
N GLY E 16 -10.26 18.60 -3.45
CA GLY E 16 -10.39 19.65 -4.43
C GLY E 16 -11.49 20.63 -4.06
N GLN E 17 -12.07 20.43 -2.87
CA GLN E 17 -13.14 21.29 -2.37
C GLN E 17 -13.78 20.71 -1.11
N ASP E 18 -14.51 21.55 -0.40
CA ASP E 18 -15.21 21.15 0.84
C ASP E 18 -15.72 19.73 0.83
N PRO E 19 -15.70 19.08 2.00
CA PRO E 19 -16.17 17.71 2.12
C PRO E 19 -17.70 17.72 2.16
N GLU E 20 -18.34 16.98 1.27
CA GLU E 20 -19.80 16.92 1.27
C GLU E 20 -20.21 16.01 2.43
N VAL E 21 -20.47 16.63 3.57
CA VAL E 21 -20.84 15.89 4.77
C VAL E 21 -22.35 15.73 4.95
N ARG E 22 -22.78 14.48 5.08
CA ARG E 22 -24.20 14.19 5.25
C ARG E 22 -24.40 13.20 6.40
N TYR E 23 -25.55 13.31 7.05
CA TYR E 23 -25.92 12.43 8.17
C TYR E 23 -27.11 11.55 7.72
N MET E 24 -26.83 10.28 7.42
CA MET E 24 -27.85 9.34 6.97
C MET E 24 -29.22 9.49 7.66
N PRO E 25 -30.30 9.12 6.94
CA PRO E 25 -31.69 9.19 7.40
C PRO E 25 -31.84 9.36 8.90
N ASN E 26 -31.26 8.42 9.66
CA ASN E 26 -31.34 8.48 11.11
C ASN E 26 -30.04 8.09 11.82
N GLY E 27 -29.07 9.00 11.82
CA GLY E 27 -27.81 8.74 12.51
C GLY E 27 -26.51 8.92 11.76
N GLY E 28 -25.78 7.81 11.59
CA GLY E 28 -24.49 7.78 10.92
C GLY E 28 -24.29 8.61 9.65
N ALA E 29 -23.22 9.39 9.65
CA ALA E 29 -22.89 10.25 8.52
C ALA E 29 -22.11 9.59 7.38
N VAL E 30 -21.96 10.33 6.28
CA VAL E 30 -21.26 9.90 5.09
C VAL E 30 -20.63 11.09 4.39
N ALA E 31 -19.31 11.17 4.46
CA ALA E 31 -18.57 12.26 3.83
C ALA E 31 -18.23 11.90 2.39
N ASN E 32 -18.23 12.91 1.52
CA ASN E 32 -17.92 12.68 0.13
C ASN E 32 -16.86 13.63 -0.36
N ILE E 33 -15.64 13.47 0.13
CA ILE E 33 -14.57 14.35 -0.30
C ILE E 33 -14.00 13.88 -1.64
N THR E 34 -13.52 14.84 -2.42
CA THR E 34 -12.95 14.54 -3.72
C THR E 34 -11.46 14.84 -3.75
N LEU E 35 -10.65 13.78 -3.82
CA LEU E 35 -9.20 13.95 -3.85
C LEU E 35 -8.66 14.17 -5.23
N ALA E 36 -7.48 14.76 -5.30
CA ALA E 36 -6.84 15.06 -6.56
C ALA E 36 -5.37 14.71 -6.53
N THR E 37 -4.97 13.75 -7.36
CA THR E 37 -3.57 13.38 -7.41
C THR E 37 -3.12 14.02 -8.70
N SER E 38 -1.83 14.20 -8.86
CA SER E 38 -1.33 14.85 -10.07
C SER E 38 -0.04 14.20 -10.54
N GLU E 39 0.17 14.24 -11.84
CA GLU E 39 1.38 13.69 -12.44
C GLU E 39 1.75 14.54 -13.64
N SER E 40 2.86 15.27 -13.52
CA SER E 40 3.32 16.13 -14.60
C SER E 40 4.46 15.49 -15.35
N TRP E 41 4.96 16.25 -16.32
CA TRP E 41 6.07 15.86 -17.15
C TRP E 41 6.15 16.88 -18.28
N ARG E 42 7.35 17.07 -18.82
CA ARG E 42 7.54 18.01 -19.91
C ARG E 42 7.35 17.25 -21.20
N ASP E 43 6.87 17.93 -22.24
CA ASP E 43 6.63 17.26 -23.51
C ASP E 43 7.89 16.95 -24.30
N LYS E 44 8.08 15.68 -24.60
CA LYS E 44 9.23 15.18 -25.34
C LYS E 44 9.48 15.93 -26.65
N ALA E 45 8.68 16.95 -26.91
CA ALA E 45 8.83 17.73 -28.12
C ALA E 45 8.52 19.19 -27.87
N THR E 46 7.31 19.46 -27.39
CA THR E 46 6.86 20.82 -27.13
C THR E 46 7.70 21.46 -26.03
N GLY E 47 7.94 20.71 -24.98
CA GLY E 47 8.70 21.22 -23.86
C GLY E 47 7.76 21.80 -22.82
N GLU E 48 6.46 21.78 -23.13
CA GLU E 48 5.47 22.31 -22.21
C GLU E 48 5.45 21.44 -20.96
N MET E 49 5.13 22.06 -19.83
CA MET E 49 5.09 21.37 -18.55
C MET E 49 3.70 20.84 -18.24
N LYS E 50 3.16 20.03 -19.15
CA LYS E 50 1.83 19.44 -19.01
C LYS E 50 1.67 18.63 -17.71
N GLU E 51 0.42 18.48 -17.27
CA GLU E 51 0.13 17.76 -16.04
C GLU E 51 -1.25 17.10 -16.05
N GLN E 52 -1.29 15.78 -15.87
CA GLN E 52 -2.58 15.12 -15.83
C GLN E 52 -2.89 14.89 -14.36
N THR E 53 -4.14 15.04 -13.98
CA THR E 53 -4.46 14.87 -12.58
C THR E 53 -5.75 14.11 -12.35
N GLU E 54 -5.61 12.95 -11.72
CA GLU E 54 -6.75 12.13 -11.41
C GLU E 54 -7.50 12.72 -10.25
N TRP E 55 -8.82 12.59 -10.30
CA TRP E 55 -9.69 13.06 -9.26
C TRP E 55 -10.40 11.86 -8.66
N HIS E 56 -10.05 11.50 -7.43
CA HIS E 56 -10.66 10.36 -6.83
C HIS E 56 -11.85 10.80 -6.01
N ARG E 57 -12.88 9.96 -6.00
CA ARG E 57 -14.08 10.24 -5.28
C ARG E 57 -14.05 9.33 -4.08
N VAL E 58 -13.49 9.82 -3.00
CA VAL E 58 -13.41 9.05 -1.77
C VAL E 58 -14.72 9.14 -1.00
N VAL E 59 -14.96 8.17 -0.13
CA VAL E 59 -16.18 8.12 0.67
C VAL E 59 -15.86 7.70 2.09
N LEU E 60 -16.11 8.61 3.03
CA LEU E 60 -15.84 8.33 4.43
C LEU E 60 -17.13 7.94 5.16
N PHE E 61 -16.98 7.29 6.31
CA PHE E 61 -18.12 6.88 7.10
C PHE E 61 -17.84 7.07 8.58
N GLY E 62 -18.87 6.90 9.40
CA GLY E 62 -18.73 7.04 10.83
C GLY E 62 -17.83 8.18 11.22
N LYS E 63 -17.02 7.96 12.26
CA LYS E 63 -16.11 8.98 12.78
C LYS E 63 -15.39 9.75 11.68
N LEU E 64 -14.58 9.05 10.90
CA LEU E 64 -13.83 9.70 9.83
C LEU E 64 -14.71 10.69 9.09
N ALA E 65 -15.89 10.25 8.71
CA ALA E 65 -16.82 11.13 8.02
C ALA E 65 -16.89 12.43 8.82
N GLU E 66 -17.22 12.33 10.10
CA GLU E 66 -17.31 13.49 10.96
C GLU E 66 -15.99 14.25 11.00
N VAL E 67 -14.93 13.53 11.32
CA VAL E 67 -13.63 14.15 11.40
C VAL E 67 -13.44 15.00 10.19
N ALA E 68 -13.57 14.38 9.03
CA ALA E 68 -13.42 15.08 7.77
C ALA E 68 -14.19 16.38 7.83
N SER E 69 -15.47 16.28 8.19
CA SER E 69 -16.34 17.43 8.26
C SER E 69 -15.85 18.54 9.17
N GLU E 70 -15.41 18.18 10.37
CA GLU E 70 -14.97 19.21 11.29
C GLU E 70 -13.63 19.83 10.98
N TYR E 71 -12.74 19.09 10.34
CA TYR E 71 -11.41 19.63 10.09
C TYR E 71 -10.83 19.54 8.71
N LEU E 72 -11.51 18.88 7.78
CA LEU E 72 -10.92 18.82 6.45
C LEU E 72 -11.39 20.00 5.64
N ARG E 73 -10.52 20.98 5.42
CA ARG E 73 -10.95 22.12 4.64
C ARG E 73 -10.56 21.89 3.18
N LYS E 74 -11.05 22.72 2.26
CA LYS E 74 -10.68 22.52 0.88
C LYS E 74 -9.17 22.63 0.85
N GLY E 75 -8.53 22.02 -0.15
CA GLY E 75 -7.09 22.08 -0.26
C GLY E 75 -6.40 21.18 0.74
N SER E 76 -7.14 20.74 1.75
CA SER E 76 -6.54 19.88 2.75
C SER E 76 -5.89 18.72 2.04
N GLN E 77 -4.90 18.13 2.70
CA GLN E 77 -4.20 16.99 2.12
C GLN E 77 -4.40 15.77 3.00
N VAL E 78 -5.03 14.74 2.44
CA VAL E 78 -5.30 13.55 3.23
C VAL E 78 -4.74 12.28 2.65
N TYR E 79 -4.67 11.29 3.54
CA TYR E 79 -4.18 9.98 3.20
C TYR E 79 -5.36 9.08 3.40
N ILE E 80 -5.78 8.41 2.35
CA ILE E 80 -6.92 7.51 2.46
C ILE E 80 -6.44 6.11 2.23
N GLU E 81 -7.05 5.16 2.92
CA GLU E 81 -6.66 3.77 2.76
C GLU E 81 -7.89 2.92 2.50
N GLY E 82 -8.84 3.48 1.77
CA GLY E 82 -10.06 2.74 1.48
C GLY E 82 -9.86 1.64 0.47
N GLN E 83 -10.96 1.24 -0.17
CA GLN E 83 -10.94 0.19 -1.18
C GLN E 83 -11.86 0.54 -2.32
N LEU E 84 -11.52 0.01 -3.50
CA LEU E 84 -12.30 0.25 -4.71
C LEU E 84 -13.69 -0.33 -4.62
N ARG E 85 -14.67 0.45 -5.05
CA ARG E 85 -16.04 0.01 -5.03
C ARG E 85 -16.83 0.69 -6.11
N THR E 86 -16.91 0.03 -7.26
CA THR E 86 -17.67 0.58 -8.36
C THR E 86 -19.12 0.26 -8.05
N ARG E 87 -19.97 1.29 -8.04
CA ARG E 87 -21.37 1.06 -7.74
C ARG E 87 -22.31 1.52 -8.85
N LYS E 88 -23.26 0.65 -9.21
CA LYS E 88 -24.23 0.91 -10.26
C LYS E 88 -25.44 1.72 -9.79
N TRP E 89 -25.83 2.68 -10.61
CA TRP E 89 -26.99 3.52 -10.31
C TRP E 89 -27.54 3.96 -11.66
N THR E 90 -28.85 3.91 -11.81
CA THR E 90 -29.47 4.33 -13.05
C THR E 90 -29.77 5.82 -12.99
N ASP E 91 -29.23 6.56 -13.96
CA ASP E 91 -29.42 8.01 -14.02
C ASP E 91 -30.86 8.29 -14.33
N GLN E 92 -31.15 9.50 -14.80
CA GLN E 92 -32.52 9.85 -15.14
C GLN E 92 -32.97 9.12 -16.40
N SER E 93 -32.51 7.89 -16.56
CA SER E 93 -32.83 7.04 -17.70
C SER E 93 -31.99 5.76 -17.75
N GLY E 94 -30.76 5.88 -18.26
CA GLY E 94 -29.86 4.74 -18.37
C GLY E 94 -29.09 4.36 -17.12
N GLN E 95 -28.34 3.27 -17.21
CA GLN E 95 -27.55 2.79 -16.07
C GLN E 95 -26.13 3.31 -16.07
N ASP E 96 -25.73 3.90 -14.96
CA ASP E 96 -24.39 4.43 -14.83
C ASP E 96 -23.72 3.79 -13.62
N ARG E 97 -22.39 3.71 -13.65
CA ARG E 97 -21.67 3.13 -12.54
C ARG E 97 -20.49 4.01 -12.18
N TYR E 98 -20.33 4.26 -10.90
CA TYR E 98 -19.24 5.07 -10.40
C TYR E 98 -18.31 4.26 -9.50
N THR E 99 -17.02 4.38 -9.76
CA THR E 99 -16.02 3.66 -8.98
C THR E 99 -15.57 4.63 -7.90
N THR E 100 -15.94 4.35 -6.67
CA THR E 100 -15.53 5.25 -5.62
C THR E 100 -14.61 4.63 -4.60
N GLU E 101 -13.83 5.49 -3.97
CA GLU E 101 -12.89 5.11 -2.94
C GLU E 101 -13.65 5.03 -1.65
N VAL E 102 -13.91 3.81 -1.18
CA VAL E 102 -14.65 3.66 0.04
C VAL E 102 -13.74 3.28 1.17
N VAL E 103 -13.76 4.11 2.21
CA VAL E 103 -12.95 3.87 3.39
C VAL E 103 -13.83 3.28 4.48
N VAL E 104 -13.87 1.96 4.58
CA VAL E 104 -14.68 1.32 5.60
C VAL E 104 -13.85 0.39 6.49
N ASN E 105 -13.53 0.89 7.68
CA ASN E 105 -12.77 0.15 8.69
C ASN E 105 -11.38 -0.28 8.22
N VAL E 106 -11.36 -1.22 7.29
CA VAL E 106 -10.11 -1.75 6.75
C VAL E 106 -9.11 -0.65 6.36
N GLY E 107 -9.58 0.59 6.29
CA GLY E 107 -8.72 1.70 5.93
C GLY E 107 -8.92 2.87 6.87
N GLY E 108 -8.67 4.08 6.38
CA GLY E 108 -8.87 5.26 7.22
C GLY E 108 -8.25 6.56 6.71
N THR E 109 -8.91 7.68 6.96
CA THR E 109 -8.39 8.99 6.54
C THR E 109 -7.44 9.57 7.56
N MET E 110 -6.53 10.40 7.06
CA MET E 110 -5.58 11.08 7.89
C MET E 110 -5.17 12.28 7.08
N GLN E 111 -5.11 13.44 7.72
CA GLN E 111 -4.74 14.63 7.00
C GLN E 111 -3.39 15.09 7.38
N MET E 112 -2.78 15.86 6.49
CA MET E 112 -1.46 16.43 6.71
C MET E 112 -1.67 17.90 7.02
N LEU E 113 -0.61 18.59 7.43
CA LEU E 113 -0.71 20.00 7.79
C LEU E 113 0.62 20.50 8.28
N GLY E 114 0.85 20.41 9.59
CA GLY E 114 2.09 20.84 10.17
C GLY E 114 2.33 22.34 10.12
N GLY E 115 2.38 22.90 8.92
CA GLY E 115 2.60 24.32 8.77
C GLY E 115 4.06 24.74 8.97
N ALA F 2 0.86 16.50 -1.97
CA ALA F 2 -0.18 17.55 -2.17
C ALA F 2 -0.05 18.23 -3.55
N SER F 3 1.17 18.44 -4.00
CA SER F 3 1.40 19.05 -5.30
C SER F 3 1.25 17.97 -6.39
N ARG F 4 1.49 16.72 -6.00
CA ARG F 4 1.45 15.58 -6.91
C ARG F 4 0.66 14.42 -6.31
N GLY F 5 0.79 14.24 -5.00
CA GLY F 5 0.09 13.19 -4.30
C GLY F 5 0.46 11.77 -4.66
N VAL F 6 -0.20 10.81 -4.02
CA VAL F 6 0.01 9.39 -4.21
C VAL F 6 -1.29 8.69 -4.61
N ASN F 7 -1.32 8.17 -5.83
CA ASN F 7 -2.50 7.46 -6.32
C ASN F 7 -2.10 6.04 -6.54
N LYS F 8 -2.40 5.19 -5.57
CA LYS F 8 -2.01 3.81 -5.68
C LYS F 8 -3.12 2.83 -5.38
N VAL F 9 -3.21 1.80 -6.21
CA VAL F 9 -4.19 0.75 -6.00
C VAL F 9 -3.50 -0.59 -5.86
N ILE F 10 -3.96 -1.38 -4.91
CA ILE F 10 -3.38 -2.67 -4.70
C ILE F 10 -4.47 -3.71 -4.75
N LEU F 11 -4.25 -4.76 -5.53
CA LEU F 11 -5.26 -5.78 -5.65
C LEU F 11 -4.73 -7.18 -5.68
N VAL F 12 -5.49 -8.05 -5.05
CA VAL F 12 -5.19 -9.47 -5.03
C VAL F 12 -6.54 -10.01 -5.46
N GLY F 13 -6.58 -10.59 -6.64
CA GLY F 13 -7.84 -11.11 -7.15
C GLY F 13 -7.73 -12.09 -8.30
N ASN F 14 -8.88 -12.61 -8.72
CA ASN F 14 -8.91 -13.59 -9.79
C ASN F 14 -9.52 -12.99 -11.04
N LEU F 15 -8.95 -13.30 -12.20
CA LEU F 15 -9.51 -12.77 -13.42
C LEU F 15 -10.84 -13.46 -13.54
N GLY F 16 -11.86 -12.71 -13.95
CA GLY F 16 -13.18 -13.30 -14.11
C GLY F 16 -13.39 -13.80 -15.52
N GLN F 17 -12.47 -13.45 -16.40
CA GLN F 17 -12.56 -13.88 -17.79
C GLN F 17 -11.16 -13.79 -18.33
N ASP F 18 -10.86 -14.61 -19.33
CA ASP F 18 -9.55 -14.57 -19.95
C ASP F 18 -9.27 -13.14 -20.36
N PRO F 19 -7.98 -12.77 -20.43
CA PRO F 19 -7.53 -11.44 -20.81
C PRO F 19 -8.26 -10.86 -21.99
N GLU F 20 -7.67 -9.83 -22.56
CA GLU F 20 -8.21 -9.17 -23.73
C GLU F 20 -7.07 -8.33 -24.24
N VAL F 21 -6.24 -8.93 -25.09
CA VAL F 21 -5.09 -8.25 -25.64
C VAL F 21 -5.46 -7.36 -26.81
N ARG F 22 -4.67 -6.31 -26.99
CA ARG F 22 -4.94 -5.35 -28.03
C ARG F 22 -3.60 -4.71 -28.40
N TYR F 23 -3.47 -4.34 -29.66
CA TYR F 23 -2.25 -3.72 -30.09
C TYR F 23 -2.58 -2.40 -30.70
N MET F 24 -2.06 -1.34 -30.09
CA MET F 24 -2.28 0.02 -30.57
C MET F 24 -1.23 0.37 -31.62
N PRO F 25 -1.53 1.39 -32.46
CA PRO F 25 -0.59 1.82 -33.51
C PRO F 25 0.85 1.82 -33.01
N ASN F 26 1.04 2.47 -31.86
CA ASN F 26 2.35 2.57 -31.22
C ASN F 26 3.15 1.28 -31.34
N GLY F 27 2.45 0.17 -31.33
CA GLY F 27 3.11 -1.12 -31.43
C GLY F 27 2.96 -1.86 -30.12
N GLY F 28 2.59 -1.12 -29.08
CA GLY F 28 2.40 -1.73 -27.79
C GLY F 28 1.22 -2.69 -27.71
N ALA F 29 1.25 -3.52 -26.67
CA ALA F 29 0.20 -4.48 -26.41
C ALA F 29 -0.52 -3.97 -25.16
N VAL F 30 -1.80 -4.23 -25.07
CA VAL F 30 -2.56 -3.76 -23.95
C VAL F 30 -3.57 -4.79 -23.47
N ALA F 31 -3.31 -5.38 -22.31
CA ALA F 31 -4.19 -6.38 -21.74
C ALA F 31 -5.26 -5.72 -20.89
N ASN F 32 -6.47 -6.26 -20.92
CA ASN F 32 -7.57 -5.71 -20.13
C ASN F 32 -8.23 -6.77 -19.28
N ILE F 33 -7.53 -7.26 -18.28
CA ILE F 33 -8.09 -8.28 -17.42
C ILE F 33 -8.99 -7.62 -16.38
N THR F 34 -10.00 -8.35 -15.95
CA THR F 34 -10.94 -7.86 -14.96
C THR F 34 -10.84 -8.66 -13.67
N LEU F 35 -10.31 -8.04 -12.62
CA LEU F 35 -10.17 -8.72 -11.34
C LEU F 35 -11.41 -8.67 -10.50
N ALA F 36 -11.52 -9.62 -9.57
CA ALA F 36 -12.67 -9.69 -8.68
C ALA F 36 -12.23 -9.93 -7.25
N THR F 37 -12.48 -8.96 -6.37
CA THR F 37 -12.14 -9.15 -4.97
C THR F 37 -13.49 -9.44 -4.33
N SER F 38 -13.50 -10.04 -3.15
CA SER F 38 -14.74 -10.37 -2.50
C SER F 38 -14.68 -10.13 -1.01
N GLU F 39 -15.82 -9.80 -0.43
CA GLU F 39 -15.92 -9.57 1.01
C GLU F 39 -17.29 -10.03 1.48
N SER F 40 -17.31 -11.13 2.24
CA SER F 40 -18.56 -11.65 2.75
C SER F 40 -18.76 -11.16 4.17
N TRP F 41 -19.94 -11.35 4.73
CA TRP F 41 -20.19 -10.89 6.09
C TRP F 41 -21.60 -11.29 6.52
N ARG F 42 -21.86 -11.19 7.81
CA ARG F 42 -23.17 -11.52 8.34
C ARG F 42 -23.93 -10.27 8.76
N ASP F 43 -25.22 -10.45 9.02
CA ASP F 43 -26.08 -9.35 9.43
C ASP F 43 -27.26 -9.85 10.26
N LYS F 44 -28.37 -9.15 10.15
CA LYS F 44 -29.58 -9.48 10.89
C LYS F 44 -30.78 -8.79 10.24
N ALA F 45 -30.48 -7.95 9.26
CA ALA F 45 -31.47 -7.18 8.50
C ALA F 45 -32.10 -7.98 7.35
N THR F 46 -31.45 -7.97 6.19
CA THR F 46 -31.96 -8.73 5.03
C THR F 46 -30.86 -9.56 4.35
N GLY F 47 -30.62 -10.77 4.87
CA GLY F 47 -29.62 -11.64 4.28
C GLY F 47 -29.00 -12.68 5.22
N GLU F 48 -28.31 -13.64 4.61
CA GLU F 48 -27.63 -14.69 5.36
C GLU F 48 -26.16 -14.28 5.47
N MET F 49 -25.27 -15.16 5.01
CA MET F 49 -23.85 -14.82 5.04
C MET F 49 -23.61 -14.07 3.75
N LYS F 50 -23.92 -12.79 3.76
CA LYS F 50 -23.78 -11.97 2.57
C LYS F 50 -22.38 -11.68 2.09
N GLU F 51 -22.21 -11.84 0.77
CA GLU F 51 -20.96 -11.60 0.07
C GLU F 51 -21.15 -10.70 -1.17
N GLN F 52 -20.45 -9.58 -1.16
CA GLN F 52 -20.46 -8.61 -2.23
C GLN F 52 -19.09 -8.74 -2.90
N THR F 53 -19.02 -8.53 -4.21
CA THR F 53 -17.75 -8.68 -4.87
C THR F 53 -17.48 -7.61 -5.90
N GLU F 54 -16.44 -6.82 -5.64
CA GLU F 54 -16.05 -5.76 -6.53
C GLU F 54 -15.34 -6.34 -7.73
N TRP F 55 -15.56 -5.73 -8.87
CA TRP F 55 -14.95 -6.16 -10.09
C TRP F 55 -14.07 -5.02 -10.57
N HIS F 56 -12.77 -5.19 -10.52
CA HIS F 56 -11.89 -4.15 -10.96
C HIS F 56 -11.53 -4.34 -12.42
N ARG F 57 -11.42 -3.22 -13.12
CA ARG F 57 -11.07 -3.22 -14.52
C ARG F 57 -9.63 -2.78 -14.57
N VAL F 58 -8.73 -3.73 -14.53
CA VAL F 58 -7.31 -3.44 -14.60
C VAL F 58 -6.88 -3.26 -16.06
N VAL F 59 -5.75 -2.59 -16.25
CA VAL F 59 -5.24 -2.34 -17.59
C VAL F 59 -3.73 -2.48 -17.62
N LEU F 60 -3.25 -3.48 -18.34
CA LEU F 60 -1.82 -3.75 -18.44
C LEU F 60 -1.23 -3.14 -19.71
N PHE F 61 0.07 -2.96 -19.74
CA PHE F 61 0.74 -2.41 -20.91
C PHE F 61 2.07 -3.11 -21.15
N GLY F 62 2.69 -2.83 -22.29
CA GLY F 62 3.96 -3.43 -22.62
C GLY F 62 4.05 -4.90 -22.23
N LYS F 63 5.23 -5.30 -21.75
CA LYS F 63 5.48 -6.67 -21.34
C LYS F 63 4.31 -7.31 -20.58
N LEU F 64 4.00 -6.77 -19.41
CA LEU F 64 2.92 -7.30 -18.58
C LEU F 64 1.70 -7.63 -19.43
N ALA F 65 1.34 -6.69 -20.30
CA ALA F 65 0.21 -6.92 -21.17
C ALA F 65 0.43 -8.28 -21.82
N GLU F 66 1.60 -8.44 -22.46
CA GLU F 66 1.93 -9.69 -23.12
C GLU F 66 1.91 -10.85 -22.16
N VAL F 67 2.68 -10.71 -21.10
CA VAL F 67 2.74 -11.75 -20.09
C VAL F 67 1.34 -12.22 -19.80
N ALA F 68 0.50 -11.28 -19.39
CA ALA F 68 -0.89 -11.57 -19.09
C ALA F 68 -1.47 -12.46 -20.18
N SER F 69 -1.33 -12.00 -21.42
CA SER F 69 -1.84 -12.72 -22.56
C SER F 69 -1.35 -14.16 -22.69
N GLU F 70 -0.06 -14.36 -22.55
CA GLU F 70 0.49 -15.70 -22.70
C GLU F 70 0.21 -16.65 -21.54
N TYR F 71 0.06 -16.12 -20.34
CA TYR F 71 -0.14 -17.01 -19.21
C TYR F 71 -1.29 -16.73 -18.29
N LEU F 72 -2.10 -15.74 -18.62
CA LEU F 72 -3.25 -15.41 -17.78
C LEU F 72 -4.54 -15.95 -18.36
N ARG F 73 -5.29 -16.66 -17.53
CA ARG F 73 -6.55 -17.25 -17.96
C ARG F 73 -7.58 -17.01 -16.85
N LYS F 74 -8.83 -17.39 -17.10
CA LYS F 74 -9.87 -17.23 -16.11
C LYS F 74 -9.36 -17.92 -14.85
N GLY F 75 -9.75 -17.43 -13.69
CA GLY F 75 -9.33 -18.06 -12.45
C GLY F 75 -7.92 -17.84 -11.91
N SER F 76 -7.02 -17.24 -12.69
CA SER F 76 -5.67 -17.00 -12.19
C SER F 76 -5.76 -15.97 -11.09
N GLN F 77 -4.79 -15.94 -10.20
CA GLN F 77 -4.79 -14.99 -9.11
C GLN F 77 -3.60 -14.07 -9.23
N VAL F 78 -3.85 -12.79 -9.39
CA VAL F 78 -2.75 -11.86 -9.53
C VAL F 78 -2.74 -10.74 -8.53
N TYR F 79 -1.56 -10.13 -8.45
CA TYR F 79 -1.31 -9.03 -7.56
C TYR F 79 -1.03 -7.87 -8.47
N ILE F 80 -1.84 -6.83 -8.40
CA ILE F 80 -1.62 -5.67 -9.23
C ILE F 80 -1.25 -4.49 -8.36
N GLU F 81 -0.39 -3.62 -8.87
CA GLU F 81 -0.01 -2.47 -8.10
C GLU F 81 -0.16 -1.23 -8.93
N GLY F 82 -1.18 -1.22 -9.77
CA GLY F 82 -1.40 -0.06 -10.63
C GLY F 82 -1.91 1.14 -9.90
N GLN F 83 -2.53 2.06 -10.64
CA GLN F 83 -3.10 3.28 -10.08
C GLN F 83 -4.45 3.64 -10.69
N LEU F 84 -5.29 4.30 -9.92
CA LEU F 84 -6.62 4.68 -10.36
C LEU F 84 -6.57 5.62 -11.53
N ARG F 85 -7.43 5.40 -12.51
CA ARG F 85 -7.47 6.25 -13.68
C ARG F 85 -8.85 6.22 -14.28
N THR F 86 -9.67 7.16 -13.88
CA THR F 86 -11.01 7.23 -14.43
C THR F 86 -10.85 7.91 -15.78
N ARG F 87 -11.37 7.28 -16.83
CA ARG F 87 -11.27 7.85 -18.17
C ARG F 87 -12.61 8.05 -18.84
N LYS F 88 -12.80 9.24 -19.39
CA LYS F 88 -14.01 9.62 -20.07
C LYS F 88 -14.09 9.17 -21.52
N TRP F 89 -15.24 8.65 -21.90
CA TRP F 89 -15.47 8.22 -23.28
C TRP F 89 -16.96 8.37 -23.54
N THR F 90 -17.31 8.89 -24.71
CA THR F 90 -18.71 9.06 -25.05
C THR F 90 -19.22 7.80 -25.73
N ASP F 91 -20.27 7.20 -25.16
CA ASP F 91 -20.88 5.99 -25.69
C ASP F 91 -21.54 6.33 -27.02
N GLN F 92 -22.44 5.46 -27.46
CA GLN F 92 -23.11 5.69 -28.72
C GLN F 92 -24.09 6.85 -28.61
N SER F 93 -23.70 7.85 -27.79
CA SER F 93 -24.50 9.04 -27.58
C SER F 93 -23.97 9.92 -26.45
N GLY F 94 -24.26 9.53 -25.21
CA GLY F 94 -23.82 10.30 -24.05
C GLY F 94 -22.40 10.05 -23.60
N GLN F 95 -21.96 10.80 -22.59
CA GLN F 95 -20.62 10.67 -22.05
C GLN F 95 -20.57 9.71 -20.87
N ASP F 96 -19.67 8.74 -20.96
CA ASP F 96 -19.50 7.77 -19.89
C ASP F 96 -18.04 7.78 -19.45
N ARG F 97 -17.81 7.43 -18.19
CA ARG F 97 -16.46 7.38 -17.68
C ARG F 97 -16.22 6.09 -16.91
N TYR F 98 -15.10 5.47 -17.17
CA TYR F 98 -14.74 4.23 -16.49
C TYR F 98 -13.48 4.41 -15.66
N THR F 99 -13.52 3.95 -14.43
CA THR F 99 -12.38 4.05 -13.53
C THR F 99 -11.65 2.73 -13.64
N THR F 100 -10.48 2.76 -14.24
CA THR F 100 -9.75 1.52 -14.38
C THR F 100 -8.43 1.48 -13.66
N GLU F 101 -8.04 0.27 -13.32
CA GLU F 101 -6.79 0.01 -12.64
C GLU F 101 -5.70 -0.03 -13.69
N VAL F 102 -4.89 1.02 -13.74
CA VAL F 102 -3.85 1.07 -14.74
C VAL F 102 -2.53 0.79 -14.10
N VAL F 103 -1.85 -0.22 -14.61
CA VAL F 103 -0.54 -0.61 -14.11
C VAL F 103 0.51 -0.09 -15.08
N VAL F 104 1.06 1.09 -14.80
CA VAL F 104 2.08 1.63 -15.67
C VAL F 104 3.37 1.96 -14.92
N ASN F 105 4.34 1.07 -15.07
CA ASN F 105 5.66 1.19 -14.44
C ASN F 105 5.64 1.23 -12.92
N VAL F 106 5.11 2.32 -12.38
CA VAL F 106 5.02 2.53 -10.95
C VAL F 106 4.47 1.31 -10.21
N GLY F 107 3.85 0.40 -10.95
CA GLY F 107 3.28 -0.80 -10.33
C GLY F 107 3.68 -2.04 -11.09
N GLY F 108 2.85 -3.08 -11.04
CA GLY F 108 3.17 -4.30 -11.77
C GLY F 108 2.38 -5.54 -11.39
N THR F 109 2.11 -6.40 -12.36
CA THR F 109 1.37 -7.64 -12.09
C THR F 109 2.27 -8.78 -11.66
N MET F 110 1.68 -9.69 -10.90
CA MET F 110 2.38 -10.86 -10.43
C MET F 110 1.28 -11.84 -10.13
N GLN F 111 1.47 -13.08 -10.54
CA GLN F 111 0.45 -14.06 -10.32
C GLN F 111 0.87 -15.05 -9.27
N MET F 112 -0.12 -15.69 -8.67
CA MET F 112 0.10 -16.70 -7.66
C MET F 112 -0.10 -18.06 -8.32
N LEU F 113 0.37 -19.11 -7.65
CA LEU F 113 0.29 -20.48 -8.14
C LEU F 113 0.75 -20.52 -9.59
N GLY F 114 2.01 -20.89 -9.79
CA GLY F 114 2.57 -20.97 -11.12
C GLY F 114 2.71 -19.61 -11.77
N GLY F 115 3.85 -19.39 -12.43
CA GLY F 115 4.11 -18.13 -13.11
C GLY F 115 4.87 -18.30 -14.41
N ARG F 116 5.81 -17.41 -14.67
CA ARG F 116 6.63 -17.45 -15.88
C ARG F 116 7.41 -18.76 -15.98
N GLN F 117 7.15 -19.66 -15.03
CA GLN F 117 7.80 -20.97 -14.95
C GLN F 117 7.00 -22.06 -15.69
#